data_6K65
#
_entry.id   6K65
#
_cell.length_a   35.620
_cell.length_b   120.181
_cell.length_c   84.740
_cell.angle_alpha   90.00
_cell.angle_beta   90.00
_cell.angle_gamma   90.00
#
_symmetry.space_group_name_H-M   'P 21 21 2'
#
loop_
_entity.id
_entity.type
_entity.pdbx_description
1 polymer 'Immunoglobulin G-binding protein A'
2 polymer '1P4B variable light chain'
3 polymer '1P4B variable heavy chain'
4 water water
#
loop_
_entity_poly.entity_id
_entity_poly.type
_entity_poly.pdbx_seq_one_letter_code
_entity_poly.pdbx_strand_id
1 'polypeptide(L)' MGSSHHHHHHSSGLVPRGSHMKEQQNAFYEILHLPNLNEEQRNAFIQSLKDDPSQSANLLAEAKALNHLQNEVARLKK A
2 'polypeptide(L)'
;DAVVTQESALTTSPGETVTLTCRSSTGAVTTSNYASWVQEKPDHLFTGLIGGTNNRAPGVPARFSGSLIGDKAALTITGA
QTEDEAIYFCALWYSNHWVFGGGTKLTVLGGGGGS
;
L
3 'polypeptide(L)'
;DVQLQQSGPGLVAPSQSLSITCTVSGFSLTDYGVNWVRQSPGKGLEWLGVIWGDGITDYNSALKSRLSVTKDNSKSQVFL
KMNSLQSGDSARYYCVTGLFDYWGQGTTLTVSS
;
H
#
# COMPACT_ATOMS: atom_id res chain seq x y z
N MET A 21 34.07 4.66 -8.09
CA MET A 21 34.07 5.74 -9.07
C MET A 21 33.19 5.37 -10.26
N LYS A 22 33.55 4.29 -10.95
CA LYS A 22 32.71 3.80 -12.04
C LYS A 22 31.33 3.40 -11.52
N GLU A 23 31.27 2.85 -10.30
CA GLU A 23 29.99 2.47 -9.72
C GLU A 23 29.16 3.70 -9.38
N GLN A 24 29.82 4.77 -8.94
CA GLN A 24 29.11 6.02 -8.72
C GLN A 24 28.66 6.61 -10.04
N GLN A 25 29.48 6.51 -11.08
CA GLN A 25 29.08 6.97 -12.41
C GLN A 25 27.83 6.24 -12.89
N ASN A 26 27.82 4.91 -12.76
CA ASN A 26 26.65 4.15 -13.19
C ASN A 26 25.44 4.52 -12.37
N ALA A 27 25.61 4.67 -11.05
CA ALA A 27 24.48 5.01 -10.20
C ALA A 27 23.92 6.40 -10.54
N PHE A 28 24.80 7.39 -10.73
CA PHE A 28 24.37 8.71 -11.21
C PHE A 28 23.53 8.57 -12.47
N TYR A 29 24.04 7.82 -13.45
CA TYR A 29 23.36 7.70 -14.73
C TYR A 29 21.97 7.10 -14.55
N GLU A 30 21.87 5.99 -13.80
CA GLU A 30 20.58 5.34 -13.62
C GLU A 30 19.60 6.26 -12.89
N ILE A 31 20.06 6.97 -11.86
CA ILE A 31 19.14 7.81 -11.11
C ILE A 31 18.65 8.97 -11.97
N LEU A 32 19.55 9.58 -12.76
CA LEU A 32 19.14 10.69 -13.59
C LEU A 32 18.20 10.25 -14.70
N HIS A 33 18.19 8.97 -15.06
CA HIS A 33 17.25 8.53 -16.09
C HIS A 33 15.97 7.90 -15.53
N LEU A 34 15.80 7.80 -14.20
CA LEU A 34 14.51 7.33 -13.69
C LEU A 34 13.45 8.37 -14.01
N PRO A 35 12.42 8.02 -14.79
CA PRO A 35 11.59 9.06 -15.42
C PRO A 35 10.62 9.76 -14.48
N ASN A 36 10.24 9.13 -13.36
CA ASN A 36 9.17 9.67 -12.55
C ASN A 36 9.64 10.35 -11.27
N LEU A 37 10.91 10.22 -10.91
CA LEU A 37 11.42 10.97 -9.76
C LEU A 37 11.28 12.46 -9.98
N ASN A 38 10.93 13.19 -8.93
CA ASN A 38 10.98 14.64 -9.03
C ASN A 38 12.41 15.11 -8.73
N GLU A 39 12.65 16.40 -8.91
CA GLU A 39 14.03 16.85 -8.81
C GLU A 39 14.52 16.89 -7.37
N GLU A 40 13.63 17.10 -6.40
CA GLU A 40 14.05 17.02 -5.01
C GLU A 40 14.54 15.62 -4.66
N GLN A 41 13.83 14.59 -5.13
CA GLN A 41 14.25 13.20 -4.88
C GLN A 41 15.57 12.91 -5.58
N ARG A 42 15.69 13.30 -6.86
CA ARG A 42 16.94 13.12 -7.58
C ARG A 42 18.10 13.75 -6.82
N ASN A 43 17.94 15.01 -6.42
CA ASN A 43 19.00 15.71 -5.70
C ASN A 43 19.37 14.97 -4.42
N ALA A 44 18.37 14.46 -3.70
CA ALA A 44 18.65 13.76 -2.45
C ALA A 44 19.50 12.51 -2.70
N PHE A 45 19.14 11.73 -3.73
CA PHE A 45 19.91 10.52 -4.00
C PHE A 45 21.31 10.86 -4.49
N ILE A 46 21.45 11.89 -5.32
CA ILE A 46 22.76 12.31 -5.79
C ILE A 46 23.65 12.64 -4.60
N GLN A 47 23.14 13.47 -3.68
CA GLN A 47 23.92 13.85 -2.51
C GLN A 47 24.28 12.64 -1.66
N SER A 48 23.34 11.72 -1.47
CA SER A 48 23.63 10.53 -0.70
C SER A 48 24.70 9.69 -1.37
N LEU A 49 24.69 9.63 -2.70
CA LEU A 49 25.72 8.87 -3.42
C LEU A 49 27.08 9.54 -3.31
N LYS A 50 27.12 10.86 -3.26
CA LYS A 50 28.38 11.55 -3.05
C LYS A 50 28.89 11.35 -1.63
N ASP A 51 27.97 11.33 -0.64
CA ASP A 51 28.37 11.21 0.75
C ASP A 51 28.86 9.81 1.08
N ASP A 52 28.20 8.78 0.55
CA ASP A 52 28.50 7.40 0.91
C ASP A 52 28.46 6.54 -0.34
N PRO A 53 29.50 6.63 -1.19
CA PRO A 53 29.50 5.83 -2.44
C PRO A 53 29.41 4.34 -2.20
N SER A 54 29.91 3.84 -1.07
CA SER A 54 29.84 2.42 -0.77
C SER A 54 28.41 1.91 -0.66
N GLN A 55 27.44 2.81 -0.47
CA GLN A 55 26.04 2.45 -0.38
C GLN A 55 25.30 2.52 -1.71
N SER A 56 26.03 2.75 -2.82
CA SER A 56 25.41 2.91 -4.14
C SER A 56 24.30 1.90 -4.39
N ALA A 57 24.60 0.61 -4.25
CA ALA A 57 23.60 -0.43 -4.53
C ALA A 57 22.30 -0.15 -3.78
N ASN A 58 22.38 -0.04 -2.45
CA ASN A 58 21.15 0.20 -1.68
C ASN A 58 20.47 1.48 -2.13
N LEU A 59 21.26 2.55 -2.34
CA LEU A 59 20.66 3.82 -2.72
C LEU A 59 19.96 3.69 -4.06
N LEU A 60 20.58 2.97 -5.00
CA LEU A 60 19.96 2.81 -6.30
C LEU A 60 18.65 2.04 -6.17
N ALA A 61 18.64 1.00 -5.33
CA ALA A 61 17.41 0.26 -5.12
C ALA A 61 16.33 1.16 -4.54
N GLU A 62 16.72 2.01 -3.58
CA GLU A 62 15.73 2.87 -2.95
C GLU A 62 15.17 3.85 -3.96
N ALA A 63 16.03 4.36 -4.86
CA ALA A 63 15.55 5.31 -5.86
C ALA A 63 14.59 4.62 -6.82
N LYS A 64 14.90 3.37 -7.18
CA LYS A 64 14.02 2.67 -8.11
C LYS A 64 12.66 2.45 -7.47
N ALA A 65 12.64 2.21 -6.15
CA ALA A 65 11.35 2.06 -5.48
C ALA A 65 10.58 3.38 -5.48
N LEU A 66 11.28 4.51 -5.22
CA LEU A 66 10.55 5.76 -5.24
C LEU A 66 10.04 6.03 -6.64
N ASN A 67 10.82 5.62 -7.65
CA ASN A 67 10.36 5.87 -9.00
C ASN A 67 9.11 5.05 -9.27
N HIS A 68 9.08 3.81 -8.75
CA HIS A 68 7.91 2.97 -8.88
C HIS A 68 6.70 3.63 -8.25
N LEU A 69 6.89 4.22 -7.06
CA LEU A 69 5.76 4.82 -6.38
C LEU A 69 5.32 6.10 -7.08
N GLN A 70 6.28 6.87 -7.60
CA GLN A 70 5.90 8.06 -8.35
C GLN A 70 5.07 7.68 -9.56
N ASN A 71 5.39 6.52 -10.16
CA ASN A 71 4.64 6.09 -11.32
C ASN A 71 3.20 5.77 -10.93
N GLU A 72 3.01 5.21 -9.73
CA GLU A 72 1.65 4.96 -9.24
C GLU A 72 0.94 6.28 -9.02
N VAL A 73 1.65 7.29 -8.48
CA VAL A 73 1.00 8.57 -8.26
C VAL A 73 0.54 9.14 -9.59
N ALA A 74 1.36 8.97 -10.64
CA ALA A 74 0.96 9.53 -11.92
C ALA A 74 -0.27 8.84 -12.44
N ARG A 75 -0.44 7.55 -12.11
CA ARG A 75 -1.62 6.83 -12.54
C ARG A 75 -2.87 7.39 -11.87
N LEU A 76 -2.74 7.81 -10.61
CA LEU A 76 -3.89 8.28 -9.84
C LEU A 76 -4.22 9.73 -10.12
N LYS A 77 -3.21 10.53 -10.47
CA LYS A 77 -3.50 11.80 -11.10
C LYS A 77 -4.33 11.60 -12.35
N LYS A 78 -4.18 10.44 -13.00
CA LYS A 78 -4.88 10.14 -14.23
C LYS A 78 -6.03 9.15 -13.98
N ASP B 1 12.08 -0.13 11.35
CA ASP B 1 11.27 -0.51 12.51
C ASP B 1 10.27 0.60 12.82
N ALA B 2 9.81 1.26 11.77
CA ALA B 2 8.86 2.32 11.97
C ALA B 2 7.53 1.77 12.46
N VAL B 3 6.85 2.59 13.27
CA VAL B 3 5.50 2.29 13.76
C VAL B 3 4.61 3.45 13.33
N VAL B 4 3.45 3.11 12.76
CA VAL B 4 2.47 4.07 12.26
C VAL B 4 1.31 4.08 13.25
N THR B 5 0.94 5.27 13.71
CA THR B 5 -0.08 5.42 14.76
C THR B 5 -1.23 6.30 14.26
N GLN B 6 -2.45 5.85 14.55
CA GLN B 6 -3.68 6.57 14.21
C GLN B 6 -4.50 6.72 15.48
N GLU B 7 -5.48 7.63 15.45
CA GLU B 7 -6.46 7.71 16.53
C GLU B 7 -7.21 6.39 16.64
N SER B 8 -7.44 5.93 17.87
CA SER B 8 -8.21 4.70 18.01
C SER B 8 -9.65 4.88 17.54
N ALA B 9 -10.28 5.98 17.93
CA ALA B 9 -11.66 6.26 17.53
C ALA B 9 -11.85 7.75 17.41
N LEU B 10 -12.77 8.13 16.53
CA LEU B 10 -13.28 9.49 16.47
C LEU B 10 -14.78 9.42 16.22
N THR B 11 -15.51 10.43 16.71
CA THR B 11 -16.95 10.49 16.56
C THR B 11 -17.30 11.79 15.85
N THR B 12 -18.14 11.68 14.83
CA THR B 12 -18.66 12.86 14.13
C THR B 12 -20.15 12.67 13.91
N SER B 13 -20.77 13.55 13.13
CA SER B 13 -22.19 13.45 12.82
C SER B 13 -22.38 13.97 11.40
N PRO B 14 -23.51 13.61 10.76
CA PRO B 14 -23.67 13.96 9.34
C PRO B 14 -23.53 15.47 9.12
N GLY B 15 -22.77 15.84 8.08
CA GLY B 15 -22.57 17.23 7.75
C GLY B 15 -21.40 17.89 8.47
N GLU B 16 -20.75 17.21 9.41
CA GLU B 16 -19.62 17.82 10.04
C GLU B 16 -18.35 17.48 9.27
N THR B 17 -17.24 18.08 9.70
CA THR B 17 -15.95 17.85 9.07
C THR B 17 -15.06 17.14 10.06
N VAL B 18 -14.43 16.05 9.64
CA VAL B 18 -13.59 15.31 10.57
C VAL B 18 -12.26 15.04 9.90
N THR B 19 -11.19 15.10 10.68
CA THR B 19 -9.85 14.84 10.17
C THR B 19 -9.22 13.72 10.97
N LEU B 20 -8.79 12.68 10.26
CA LEU B 20 -8.08 11.53 10.81
C LEU B 20 -6.60 11.74 10.53
N THR B 21 -5.72 11.35 11.46
CA THR B 21 -4.30 11.58 11.24
C THR B 21 -3.51 10.29 11.35
N CYS B 22 -2.30 10.35 10.79
CA CYS B 22 -1.43 9.21 10.61
C CYS B 22 -0.03 9.67 10.95
N ARG B 23 0.54 9.13 12.02
CA ARG B 23 1.81 9.56 12.59
C ARG B 23 2.87 8.51 12.32
N SER B 24 4.07 8.98 11.99
CA SER B 24 5.23 8.12 11.82
C SER B 24 6.14 8.21 13.04
N SER B 25 6.61 7.07 13.54
CA SER B 25 7.49 7.13 14.69
C SER B 25 8.90 7.61 14.33
N THR B 26 9.23 7.70 13.05
CA THR B 26 10.59 8.05 12.66
C THR B 26 10.77 9.54 12.49
N GLY B 27 9.70 10.30 12.41
CA GLY B 27 9.80 11.72 12.18
C GLY B 27 8.60 12.16 11.35
N ALA B 28 8.76 13.30 10.70
CA ALA B 28 7.64 13.86 9.94
C ALA B 28 7.27 12.96 8.77
N VAL B 29 5.98 12.83 8.52
CA VAL B 29 5.52 12.20 7.29
C VAL B 29 5.81 13.14 6.13
N THR B 30 6.40 12.60 5.05
CA THR B 30 6.75 13.40 3.88
C THR B 30 6.15 12.78 2.63
N THR B 31 6.27 13.52 1.51
CA THR B 31 5.87 13.00 0.21
C THR B 31 6.37 11.58 -0.04
N SER B 32 7.61 11.30 0.34
CA SER B 32 8.20 10.01 0.02
C SER B 32 7.68 8.87 0.87
N ASN B 33 6.79 9.12 1.83
CA ASN B 33 6.07 8.04 2.51
C ASN B 33 4.79 7.64 1.78
N TYR B 34 4.38 8.38 0.74
CA TYR B 34 3.24 8.02 -0.11
C TYR B 34 2.02 7.62 0.71
N ALA B 35 1.69 8.43 1.73
CA ALA B 35 0.63 8.08 2.66
C ALA B 35 -0.65 7.75 1.92
N SER B 36 -1.23 6.59 2.25
CA SER B 36 -2.40 6.12 1.52
C SER B 36 -3.43 5.67 2.53
N TRP B 37 -4.70 5.84 2.18
CA TRP B 37 -5.82 5.67 3.09
C TRP B 37 -6.83 4.72 2.47
N VAL B 38 -7.28 3.76 3.29
CA VAL B 38 -8.24 2.75 2.86
C VAL B 38 -9.35 2.65 3.91
N GLN B 39 -10.54 2.37 3.44
CA GLN B 39 -11.72 2.21 4.28
C GLN B 39 -12.08 0.74 4.35
N GLU B 40 -12.30 0.22 5.57
CA GLU B 40 -12.83 -1.11 5.77
C GLU B 40 -14.28 -1.01 6.27
N LYS B 41 -15.18 -1.63 5.53
CA LYS B 41 -16.54 -1.74 6.00
C LYS B 41 -16.88 -3.20 6.34
N PRO B 42 -17.98 -3.44 7.11
CA PRO B 42 -18.27 -4.79 7.58
C PRO B 42 -18.30 -5.82 6.46
N ASP B 43 -18.08 -7.08 6.86
CA ASP B 43 -17.79 -8.18 5.94
C ASP B 43 -16.46 -7.96 5.21
N HIS B 44 -15.51 -7.33 5.91
CA HIS B 44 -14.11 -7.21 5.45
C HIS B 44 -14.00 -6.64 4.04
N LEU B 45 -14.80 -5.61 3.76
CA LEU B 45 -14.79 -4.97 2.44
C LEU B 45 -13.88 -3.75 2.47
N PHE B 46 -12.80 -3.77 1.69
CA PHE B 46 -11.85 -2.67 1.62
C PHE B 46 -12.03 -1.84 0.35
N THR B 47 -11.96 -0.52 0.51
CA THR B 47 -12.06 0.45 -0.57
C THR B 47 -10.91 1.43 -0.42
N GLY B 48 -10.09 1.59 -1.45
CA GLY B 48 -9.06 2.62 -1.37
C GLY B 48 -9.67 4.01 -1.50
N LEU B 49 -9.13 4.96 -0.74
CA LEU B 49 -9.67 6.31 -0.75
C LEU B 49 -8.65 7.30 -1.29
N ILE B 50 -7.46 7.33 -0.70
CA ILE B 50 -6.45 8.32 -1.07
C ILE B 50 -5.16 7.57 -1.29
N GLY B 51 -4.43 7.89 -2.33
CA GLY B 51 -3.11 7.32 -2.54
C GLY B 51 -2.06 8.40 -2.74
N GLY B 52 -0.86 8.17 -2.19
CA GLY B 52 0.23 9.11 -2.43
C GLY B 52 -0.08 10.51 -1.90
N THR B 53 -0.45 10.56 -0.61
CA THR B 53 -0.72 11.74 0.20
C THR B 53 -2.07 12.37 -0.14
N ASN B 54 -2.30 12.70 -1.41
CA ASN B 54 -3.44 13.57 -1.69
C ASN B 54 -4.20 13.25 -2.96
N ASN B 55 -4.04 12.08 -3.55
CA ASN B 55 -4.72 11.74 -4.80
C ASN B 55 -5.92 10.84 -4.52
N ARG B 56 -7.11 11.33 -4.85
CA ARG B 56 -8.30 10.51 -4.75
C ARG B 56 -8.25 9.37 -5.73
N ALA B 57 -8.55 8.16 -5.26
CA ALA B 57 -8.70 7.03 -6.16
C ALA B 57 -9.92 7.23 -7.06
N PRO B 58 -9.94 6.67 -8.27
CA PRO B 58 -11.08 6.91 -9.15
C PRO B 58 -12.38 6.43 -8.52
N GLY B 59 -13.43 7.24 -8.65
CA GLY B 59 -14.71 6.89 -8.08
C GLY B 59 -14.90 7.29 -6.64
N VAL B 60 -13.85 7.74 -5.97
CA VAL B 60 -13.97 8.13 -4.55
C VAL B 60 -14.68 9.47 -4.47
N PRO B 61 -15.66 9.62 -3.57
CA PRO B 61 -16.40 10.88 -3.49
C PRO B 61 -15.54 12.08 -3.11
N ALA B 62 -15.95 13.25 -3.61
CA ALA B 62 -15.19 14.47 -3.41
C ALA B 62 -15.05 14.87 -1.95
N ARG B 63 -15.93 14.38 -1.06
CA ARG B 63 -15.83 14.78 0.34
C ARG B 63 -14.58 14.23 1.01
N PHE B 64 -13.89 13.25 0.43
CA PHE B 64 -12.62 12.75 0.99
C PHE B 64 -11.45 13.49 0.36
N SER B 65 -10.51 13.93 1.19
CA SER B 65 -9.30 14.57 0.69
C SER B 65 -8.14 14.21 1.60
N GLY B 66 -6.94 14.24 1.06
CA GLY B 66 -5.75 13.90 1.82
C GLY B 66 -4.75 15.04 1.80
N SER B 67 -3.98 15.17 2.88
CA SER B 67 -2.99 16.23 2.94
C SER B 67 -1.93 15.86 3.97
N LEU B 68 -0.87 16.67 4.03
CA LEU B 68 0.03 16.65 5.17
C LEU B 68 -0.30 17.82 6.08
N ILE B 69 -0.43 17.55 7.37
CA ILE B 69 -0.72 18.60 8.36
C ILE B 69 0.32 18.48 9.46
N GLY B 70 1.11 19.52 9.64
CA GLY B 70 2.26 19.44 10.51
C GLY B 70 3.12 18.26 10.09
N ASP B 71 3.43 17.42 11.05
CA ASP B 71 4.30 16.29 10.83
C ASP B 71 3.56 15.00 10.49
N LYS B 72 2.25 15.07 10.20
CA LYS B 72 1.45 13.87 10.03
C LYS B 72 0.75 13.89 8.68
N ALA B 73 0.30 12.71 8.24
CA ALA B 73 -0.63 12.67 7.13
C ALA B 73 -2.05 12.74 7.66
N ALA B 74 -2.97 13.22 6.82
CA ALA B 74 -4.33 13.50 7.30
C ALA B 74 -5.34 13.18 6.22
N LEU B 75 -6.43 12.55 6.64
CA LEU B 75 -7.58 12.29 5.78
C LEU B 75 -8.72 13.15 6.31
N THR B 76 -9.28 14.00 5.46
CA THR B 76 -10.34 14.88 5.89
C THR B 76 -11.62 14.49 5.16
N ILE B 77 -12.72 14.41 5.89
CA ILE B 77 -14.04 14.20 5.29
C ILE B 77 -14.80 15.49 5.53
N THR B 78 -15.07 16.23 4.46
CA THR B 78 -15.74 17.52 4.58
C THR B 78 -17.22 17.30 4.30
N GLY B 79 -18.01 17.17 5.36
CA GLY B 79 -19.42 16.83 5.25
C GLY B 79 -19.58 15.34 5.39
N ALA B 80 -19.44 14.84 6.61
CA ALA B 80 -19.50 13.39 6.81
C ALA B 80 -20.91 12.88 6.51
N GLN B 81 -20.98 11.64 6.05
CA GLN B 81 -22.26 11.00 5.72
C GLN B 81 -22.41 9.73 6.55
N THR B 82 -23.66 9.29 6.77
CA THR B 82 -23.86 8.15 7.65
C THR B 82 -23.11 6.92 7.16
N GLU B 83 -23.04 6.73 5.85
CA GLU B 83 -22.35 5.55 5.33
C GLU B 83 -20.84 5.63 5.53
N ASP B 84 -20.30 6.73 6.04
CA ASP B 84 -18.87 6.83 6.27
C ASP B 84 -18.43 6.21 7.59
N GLU B 85 -19.37 5.73 8.40
CA GLU B 85 -19.03 4.99 9.61
C GLU B 85 -18.30 3.71 9.20
N ALA B 86 -17.05 3.58 9.64
CA ALA B 86 -16.20 2.51 9.12
C ALA B 86 -14.85 2.58 9.83
N ILE B 87 -13.96 1.63 9.53
CA ILE B 87 -12.59 1.70 10.03
C ILE B 87 -11.74 2.26 8.91
N TYR B 88 -10.83 3.18 9.23
CA TYR B 88 -9.95 3.80 8.24
C TYR B 88 -8.50 3.47 8.58
N PHE B 89 -7.78 2.88 7.63
CA PHE B 89 -6.37 2.59 7.79
C PHE B 89 -5.52 3.54 6.97
N CYS B 90 -4.38 3.93 7.51
CA CYS B 90 -3.36 4.58 6.69
C CYS B 90 -2.16 3.65 6.55
N ALA B 91 -1.45 3.81 5.44
CA ALA B 91 -0.23 3.08 5.17
C ALA B 91 0.86 4.05 4.75
N LEU B 92 2.08 3.84 5.28
CA LEU B 92 3.24 4.65 4.93
C LEU B 92 4.34 3.77 4.35
N TRP B 93 5.03 4.30 3.35
CA TRP B 93 6.15 3.62 2.71
C TRP B 93 7.46 4.04 3.36
N TYR B 94 8.27 3.06 3.73
CA TYR B 94 9.58 3.27 4.36
C TYR B 94 10.66 2.54 3.53
N SER B 95 11.21 3.27 2.55
CA SER B 95 12.34 2.87 1.72
C SER B 95 12.11 1.59 0.92
N ASN B 96 11.65 0.53 1.58
CA ASN B 96 11.49 -0.74 0.88
C ASN B 96 10.31 -1.56 1.42
N HIS B 97 9.45 -0.97 2.26
CA HIS B 97 8.28 -1.73 2.69
C HIS B 97 7.18 -0.77 3.10
N TRP B 98 5.94 -1.28 3.11
CA TRP B 98 4.79 -0.54 3.64
C TRP B 98 4.53 -0.94 5.08
N VAL B 99 4.07 0.02 5.87
CA VAL B 99 3.64 -0.24 7.24
C VAL B 99 2.24 0.35 7.41
N PHE B 100 1.32 -0.43 7.94
CA PHE B 100 -0.04 0.05 8.18
C PHE B 100 -0.20 0.54 9.61
N GLY B 101 -0.98 1.61 9.76
CA GLY B 101 -1.45 2.01 11.07
C GLY B 101 -2.46 1.02 11.60
N GLY B 102 -2.85 1.22 12.87
CA GLY B 102 -3.77 0.31 13.53
C GLY B 102 -5.23 0.51 13.21
N GLY B 103 -5.56 1.57 12.47
CA GLY B 103 -6.93 1.85 12.06
C GLY B 103 -7.67 2.72 13.04
N THR B 104 -8.51 3.61 12.52
CA THR B 104 -9.37 4.48 13.33
C THR B 104 -10.81 4.05 13.11
N LYS B 105 -11.56 3.84 14.19
CA LYS B 105 -12.97 3.54 14.08
C LYS B 105 -13.70 4.88 14.06
N LEU B 106 -14.30 5.24 12.92
CA LEU B 106 -15.08 6.46 12.81
C LEU B 106 -16.56 6.13 13.03
N THR B 107 -17.16 6.75 14.07
CA THR B 107 -18.59 6.67 14.31
C THR B 107 -19.24 7.92 13.74
N VAL B 108 -20.33 7.75 13.00
CA VAL B 108 -21.13 8.87 12.50
C VAL B 108 -22.47 8.77 13.18
N LEU B 109 -22.69 9.60 14.18
CA LEU B 109 -23.90 9.57 14.98
C LEU B 109 -25.03 10.39 14.43
N GLY B 110 -26.20 9.80 14.33
CA GLY B 110 -27.35 10.47 13.74
C GLY B 110 -27.51 10.13 12.27
N GLY B 111 -28.59 10.67 11.69
CA GLY B 111 -28.94 10.46 10.30
C GLY B 111 -28.74 11.72 9.49
N GLY B 112 -28.38 11.55 8.21
CA GLY B 112 -28.08 12.67 7.34
C GLY B 112 -28.36 12.32 5.90
N GLY B 113 -28.10 13.27 5.02
CA GLY B 113 -28.17 13.08 3.58
C GLY B 113 -26.79 12.85 3.00
N GLY B 114 -26.57 13.40 1.82
CA GLY B 114 -25.23 13.39 1.29
C GLY B 114 -25.18 13.13 -0.20
N SER B 115 -23.96 13.05 -0.74
CA SER B 115 -23.74 12.90 -2.16
C SER B 115 -23.50 11.45 -2.56
N ASP C 1 -12.03 0.94 -15.24
CA ASP C 1 -12.77 -0.16 -14.63
C ASP C 1 -11.83 -1.25 -14.14
N VAL C 2 -11.09 -0.93 -13.09
CA VAL C 2 -10.12 -1.89 -12.56
C VAL C 2 -10.86 -3.00 -11.82
N GLN C 3 -10.40 -4.24 -12.03
CA GLN C 3 -10.96 -5.41 -11.35
C GLN C 3 -9.80 -6.30 -10.95
N LEU C 4 -9.79 -6.74 -9.68
CA LEU C 4 -8.83 -7.73 -9.20
C LEU C 4 -9.65 -8.89 -8.68
N GLN C 5 -9.44 -10.07 -9.25
CA GLN C 5 -10.24 -11.24 -8.92
C GLN C 5 -9.30 -12.34 -8.40
N GLN C 6 -9.56 -12.84 -7.19
CA GLN C 6 -8.67 -13.84 -6.60
C GLN C 6 -9.24 -15.25 -6.80
N SER C 7 -8.34 -16.22 -6.98
CA SER C 7 -8.71 -17.60 -7.23
C SER C 7 -7.51 -18.47 -6.84
N GLY C 8 -7.52 -19.73 -7.28
CA GLY C 8 -6.50 -20.67 -6.88
C GLY C 8 -6.98 -21.50 -5.70
N PRO C 9 -6.15 -22.44 -5.24
CA PRO C 9 -6.59 -23.31 -4.14
C PRO C 9 -6.59 -22.63 -2.78
N GLY C 10 -5.85 -21.54 -2.60
CA GLY C 10 -5.60 -21.05 -1.27
C GLY C 10 -4.72 -22.06 -0.57
N LEU C 11 -5.20 -22.61 0.55
CA LEU C 11 -4.45 -23.62 1.27
C LEU C 11 -4.40 -24.92 0.49
N VAL C 12 -3.21 -25.50 0.40
CA VAL C 12 -3.07 -26.88 -0.02
C VAL C 12 -2.48 -27.60 1.20
N ALA C 13 -3.31 -28.42 1.85
CA ALA C 13 -2.93 -29.10 3.07
C ALA C 13 -1.86 -30.17 2.86
N PRO C 14 -1.80 -30.86 1.70
CA PRO C 14 -0.74 -31.88 1.53
C PRO C 14 0.68 -31.34 1.64
N SER C 15 1.01 -30.27 0.93
CA SER C 15 2.12 -29.46 1.37
C SER C 15 1.58 -28.54 2.44
N GLN C 16 2.41 -27.72 3.06
CA GLN C 16 1.84 -26.78 4.00
C GLN C 16 2.01 -25.39 3.41
N SER C 17 1.30 -25.13 2.31
CA SER C 17 1.56 -23.91 1.56
C SER C 17 0.27 -23.30 1.04
N LEU C 18 0.38 -22.02 0.72
CA LEU C 18 -0.70 -21.21 0.19
C LEU C 18 -0.36 -20.82 -1.23
N SER C 19 -1.34 -20.94 -2.15
CA SER C 19 -1.17 -20.47 -3.52
C SER C 19 -2.41 -19.67 -3.88
N ILE C 20 -2.23 -18.39 -4.26
CA ILE C 20 -3.35 -17.55 -4.68
C ILE C 20 -3.03 -16.92 -6.03
N THR C 21 -4.02 -16.85 -6.91
CA THR C 21 -3.88 -16.15 -8.19
C THR C 21 -4.77 -14.91 -8.17
N CYS C 22 -4.21 -13.79 -8.61
CA CYS C 22 -4.92 -12.53 -8.74
C CYS C 22 -4.98 -12.22 -10.22
N THR C 23 -6.18 -12.19 -10.80
CA THR C 23 -6.31 -11.83 -12.22
C THR C 23 -6.73 -10.38 -12.26
N VAL C 24 -5.98 -9.55 -12.98
CA VAL C 24 -6.25 -8.13 -13.01
C VAL C 24 -6.81 -7.75 -14.37
N SER C 25 -7.77 -6.84 -14.38
CA SER C 25 -8.20 -6.24 -15.63
C SER C 25 -8.35 -4.73 -15.41
N GLY C 26 -8.20 -3.98 -16.50
CA GLY C 26 -8.30 -2.54 -16.43
C GLY C 26 -6.99 -1.81 -16.43
N PHE C 27 -5.86 -2.51 -16.33
CA PHE C 27 -4.53 -1.91 -16.45
C PHE C 27 -3.54 -3.01 -16.81
N SER C 28 -2.38 -2.62 -17.34
CA SER C 28 -1.37 -3.60 -17.74
C SER C 28 -0.42 -3.84 -16.58
N LEU C 29 -0.15 -5.12 -16.32
CA LEU C 29 0.86 -5.47 -15.34
C LEU C 29 2.24 -5.03 -15.78
N THR C 30 2.46 -4.76 -17.07
CA THR C 30 3.78 -4.31 -17.47
C THR C 30 4.06 -2.90 -16.98
N ASP C 31 3.02 -2.15 -16.63
CA ASP C 31 3.18 -0.76 -16.23
C ASP C 31 3.15 -0.56 -14.72
N TYR C 32 2.29 -1.31 -14.00
CA TYR C 32 1.93 -0.94 -12.63
C TYR C 32 2.08 -2.14 -11.71
N GLY C 33 2.23 -1.87 -10.43
CA GLY C 33 2.53 -2.91 -9.47
C GLY C 33 1.30 -3.47 -8.80
N VAL C 34 1.48 -4.65 -8.17
CA VAL C 34 0.43 -5.29 -7.39
C VAL C 34 1.02 -5.70 -6.04
N ASN C 35 0.34 -5.26 -4.97
CA ASN C 35 0.66 -5.61 -3.59
C ASN C 35 -0.11 -6.84 -3.14
N TRP C 36 0.45 -7.51 -2.14
CA TRP C 36 -0.28 -8.51 -1.35
C TRP C 36 -0.21 -8.10 0.10
N VAL C 37 -1.38 -8.17 0.77
CA VAL C 37 -1.52 -7.86 2.19
C VAL C 37 -2.38 -8.92 2.83
N ARG C 38 -2.27 -9.06 4.16
CA ARG C 38 -3.18 -9.98 4.86
C ARG C 38 -3.69 -9.34 6.14
N GLN C 39 -4.82 -9.85 6.61
CA GLN C 39 -5.44 -9.40 7.86
C GLN C 39 -5.85 -10.63 8.66
N SER C 40 -5.26 -10.81 9.84
CA SER C 40 -5.64 -11.95 10.68
C SER C 40 -6.92 -11.62 11.45
N PRO C 41 -7.57 -12.63 12.07
CA PRO C 41 -8.80 -12.33 12.82
C PRO C 41 -8.66 -11.27 13.90
N GLY C 42 -7.59 -11.28 14.69
CA GLY C 42 -7.49 -10.32 15.78
C GLY C 42 -6.38 -9.30 15.71
N LYS C 43 -5.79 -9.13 14.55
CA LYS C 43 -4.64 -8.25 14.33
C LYS C 43 -5.03 -7.20 13.29
N GLY C 44 -4.08 -6.38 12.86
CA GLY C 44 -4.31 -5.43 11.80
C GLY C 44 -3.86 -5.95 10.44
N LEU C 45 -3.55 -5.01 9.56
CA LEU C 45 -3.13 -5.29 8.21
C LEU C 45 -1.61 -5.46 8.19
N GLU C 46 -1.14 -6.47 7.49
CA GLU C 46 0.27 -6.75 7.33
C GLU C 46 0.57 -6.80 5.86
N TRP C 47 1.55 -6.02 5.42
CA TRP C 47 1.96 -6.02 4.02
C TRP C 47 2.91 -7.18 3.78
N LEU C 48 2.72 -7.89 2.67
CA LEU C 48 3.53 -9.06 2.34
C LEU C 48 4.55 -8.78 1.25
N GLY C 49 4.16 -8.03 0.22
CA GLY C 49 5.13 -7.75 -0.83
C GLY C 49 4.45 -7.09 -2.01
N VAL C 50 5.27 -6.66 -2.97
CA VAL C 50 4.76 -6.02 -4.17
C VAL C 50 5.60 -6.49 -5.35
N ILE C 51 4.96 -6.66 -6.49
CA ILE C 51 5.70 -6.92 -7.74
C ILE C 51 5.38 -5.79 -8.71
N TRP C 52 6.43 -5.12 -9.16
CA TRP C 52 6.30 -3.94 -9.99
C TRP C 52 6.22 -4.32 -11.48
N GLY C 53 5.90 -3.32 -12.29
CA GLY C 53 5.77 -3.56 -13.73
C GLY C 53 7.00 -4.22 -14.33
N ASP C 54 8.19 -3.78 -13.92
CA ASP C 54 9.44 -4.32 -14.47
C ASP C 54 9.86 -5.62 -13.81
N GLY C 55 9.03 -6.21 -12.95
CA GLY C 55 9.39 -7.48 -12.34
C GLY C 55 10.16 -7.38 -11.05
N ILE C 56 10.68 -6.20 -10.69
CA ILE C 56 11.29 -6.05 -9.38
C ILE C 56 10.27 -6.35 -8.29
N THR C 57 10.68 -7.10 -7.27
CA THR C 57 9.78 -7.53 -6.20
C THR C 57 10.36 -7.09 -4.87
N ASP C 58 9.55 -6.40 -4.07
CA ASP C 58 9.96 -6.04 -2.72
C ASP C 58 9.12 -6.86 -1.75
N TYR C 59 9.76 -7.46 -0.75
CA TYR C 59 9.10 -8.36 0.18
C TYR C 59 9.15 -7.81 1.60
N ASN C 60 8.18 -8.24 2.40
CA ASN C 60 8.25 -8.08 3.85
C ASN C 60 9.45 -8.85 4.39
N SER C 61 10.39 -8.16 5.05
CA SER C 61 11.64 -8.81 5.42
C SER C 61 11.47 -9.90 6.48
N ALA C 62 10.39 -9.88 7.25
CA ALA C 62 10.19 -10.93 8.25
C ALA C 62 9.70 -12.22 7.63
N LEU C 63 9.18 -12.16 6.40
CA LEU C 63 8.57 -13.31 5.75
C LEU C 63 9.24 -13.69 4.45
N LYS C 64 10.25 -12.93 4.01
CA LYS C 64 10.73 -13.02 2.64
C LYS C 64 11.16 -14.44 2.27
N SER C 65 11.85 -15.15 3.18
CA SER C 65 12.39 -16.45 2.77
C SER C 65 11.30 -17.48 2.50
N ARG C 66 10.07 -17.23 2.96
CA ARG C 66 8.93 -18.13 2.76
C ARG C 66 8.02 -17.68 1.63
N LEU C 67 8.35 -16.59 0.95
CA LEU C 67 7.45 -15.97 -0.01
C LEU C 67 7.96 -16.07 -1.43
N SER C 68 7.03 -16.21 -2.38
CA SER C 68 7.37 -16.08 -3.78
C SER C 68 6.22 -15.34 -4.44
N VAL C 69 6.48 -14.15 -4.95
CA VAL C 69 5.48 -13.41 -5.72
C VAL C 69 5.99 -13.36 -7.15
N THR C 70 5.18 -13.86 -8.08
CA THR C 70 5.59 -13.87 -9.49
C THR C 70 4.40 -13.41 -10.33
N LYS C 71 4.60 -13.28 -11.63
CA LYS C 71 3.47 -12.80 -12.43
C LYS C 71 3.62 -13.27 -13.87
N ASP C 72 2.51 -13.23 -14.58
CA ASP C 72 2.48 -13.50 -16.01
C ASP C 72 1.89 -12.27 -16.68
N ASN C 73 2.75 -11.50 -17.35
CA ASN C 73 2.32 -10.25 -17.95
C ASN C 73 1.29 -10.46 -19.04
N SER C 74 1.35 -11.60 -19.74
CA SER C 74 0.42 -11.82 -20.83
C SER C 74 -0.96 -12.26 -20.36
N LYS C 75 -1.02 -13.04 -19.28
CA LYS C 75 -2.29 -13.46 -18.70
C LYS C 75 -2.85 -12.42 -17.74
N SER C 76 -2.09 -11.37 -17.43
CA SER C 76 -2.49 -10.37 -16.44
C SER C 76 -2.77 -11.03 -15.11
N GLN C 77 -1.88 -11.94 -14.70
CA GLN C 77 -2.06 -12.66 -13.45
C GLN C 77 -0.86 -12.46 -12.56
N VAL C 78 -1.12 -12.32 -11.25
CA VAL C 78 -0.08 -12.24 -10.24
C VAL C 78 -0.27 -13.42 -9.28
N PHE C 79 0.82 -14.05 -8.86
CA PHE C 79 0.76 -15.29 -8.09
C PHE C 79 1.45 -15.08 -6.76
N LEU C 80 0.75 -15.40 -5.68
CA LEU C 80 1.33 -15.43 -4.35
C LEU C 80 1.51 -16.88 -3.92
N LYS C 81 2.73 -17.23 -3.51
CA LYS C 81 2.99 -18.50 -2.88
C LYS C 81 3.60 -18.21 -1.52
N MET C 82 3.11 -18.87 -0.48
CA MET C 82 3.72 -18.76 0.84
C MET C 82 3.90 -20.15 1.41
N ASN C 83 5.12 -20.43 1.79
CA ASN C 83 5.47 -21.74 2.25
C ASN C 83 5.61 -21.90 3.74
N SER C 84 5.79 -23.16 4.15
CA SER C 84 5.96 -23.55 5.57
C SER C 84 4.94 -22.79 6.42
N LEU C 85 3.66 -22.97 6.14
CA LEU C 85 2.65 -22.28 6.90
C LEU C 85 2.52 -22.72 8.33
N GLN C 86 2.22 -21.79 9.20
CA GLN C 86 1.95 -22.07 10.62
C GLN C 86 0.57 -21.50 10.95
N SER C 87 0.06 -21.85 12.13
CA SER C 87 -1.27 -21.39 12.50
C SER C 87 -1.37 -19.87 12.51
N GLY C 88 -0.27 -19.17 12.81
CA GLY C 88 -0.22 -17.72 12.81
C GLY C 88 -0.39 -17.09 11.44
N ASP C 89 -0.30 -17.88 10.38
CA ASP C 89 -0.55 -17.39 9.04
C ASP C 89 -2.04 -17.41 8.67
N SER C 90 -2.90 -17.94 9.52
CA SER C 90 -4.34 -17.84 9.27
C SER C 90 -4.75 -16.38 9.14
N ALA C 91 -5.36 -16.03 8.02
CA ALA C 91 -5.67 -14.64 7.73
C ALA C 91 -6.52 -14.61 6.48
N ARG C 92 -7.06 -13.45 6.18
CA ARG C 92 -7.61 -13.16 4.86
C ARG C 92 -6.52 -12.45 4.05
N TYR C 93 -6.24 -12.96 2.85
CA TYR C 93 -5.20 -12.45 1.98
C TYR C 93 -5.80 -11.68 0.82
N TYR C 94 -5.23 -10.51 0.51
CA TYR C 94 -5.75 -9.64 -0.53
C TYR C 94 -4.66 -9.24 -1.50
N CYS C 95 -5.00 -9.21 -2.80
CA CYS C 95 -4.15 -8.49 -3.74
C CYS C 95 -4.72 -7.09 -3.87
N VAL C 96 -3.85 -6.15 -4.14
CA VAL C 96 -4.21 -4.73 -4.17
C VAL C 96 -3.36 -3.96 -5.16
N THR C 97 -3.88 -2.85 -5.67
CA THR C 97 -3.04 -2.08 -6.59
C THR C 97 -2.00 -1.27 -5.82
N GLY C 98 -1.24 -0.46 -6.56
CA GLY C 98 0.05 0.06 -6.11
C GLY C 98 -0.01 1.05 -4.96
N LEU C 99 -1.11 1.78 -4.81
CA LEU C 99 -1.29 2.68 -3.67
C LEU C 99 -2.52 2.27 -2.85
N PHE C 100 -2.83 0.97 -2.89
CA PHE C 100 -3.94 0.37 -2.17
C PHE C 100 -5.28 0.95 -2.62
N ASP C 101 -5.33 1.43 -3.85
CA ASP C 101 -6.54 2.04 -4.33
C ASP C 101 -7.68 1.09 -4.73
N TYR C 102 -7.33 -0.08 -5.18
CA TYR C 102 -8.32 -1.10 -5.56
C TYR C 102 -7.92 -2.44 -4.97
N TRP C 103 -8.88 -3.14 -4.36
CA TRP C 103 -8.64 -4.37 -3.61
C TRP C 103 -9.34 -5.57 -4.27
N GLY C 104 -8.65 -6.70 -4.27
CA GLY C 104 -9.33 -7.94 -4.55
C GLY C 104 -10.29 -8.30 -3.43
N GLN C 105 -11.09 -9.34 -3.67
CA GLN C 105 -12.16 -9.70 -2.74
C GLN C 105 -11.65 -10.49 -1.53
N GLY C 106 -10.41 -10.96 -1.58
CA GLY C 106 -9.85 -11.67 -0.44
C GLY C 106 -9.97 -13.18 -0.58
N THR C 107 -9.04 -13.88 0.07
CA THR C 107 -9.00 -15.33 0.14
C THR C 107 -8.78 -15.69 1.60
N THR C 108 -9.67 -16.50 2.17
CA THR C 108 -9.53 -16.89 3.58
C THR C 108 -8.64 -18.12 3.70
N LEU C 109 -7.65 -18.04 4.59
CA LEU C 109 -6.78 -19.17 4.91
C LEU C 109 -6.85 -19.44 6.39
N THR C 110 -7.18 -20.68 6.76
CA THR C 110 -7.14 -21.12 8.15
C THR C 110 -6.19 -22.30 8.23
N VAL C 111 -5.15 -22.17 9.05
CA VAL C 111 -4.16 -23.22 9.27
C VAL C 111 -4.34 -23.72 10.69
N SER C 112 -4.52 -25.02 10.83
CA SER C 112 -4.71 -25.61 12.15
C SER C 112 -3.39 -25.77 12.87
N SER C 113 -3.43 -25.70 14.20
CA SER C 113 -2.23 -25.81 15.02
C SER C 113 -1.65 -27.23 14.97
#